data_9J06
#
_entry.id   9J06
#
_cell.length_a   1.00
_cell.length_b   1.00
_cell.length_c   1.00
_cell.angle_alpha   90.00
_cell.angle_beta   90.00
_cell.angle_gamma   90.00
#
_symmetry.space_group_name_H-M   'P 1'
#
loop_
_entity.id
_entity.type
_entity.pdbx_description
1 polymer 'Solute carrier family 22 member 6'
2 non-polymer 5-chloro-N-(2-{4-[(cyclohexylcarbamoyl)sulfamoyl]phenyl}ethyl)-2-methoxybenzamide
#
_entity_poly.entity_id   1
_entity_poly.type   'polypeptide(L)'
_entity_poly.pdbx_seq_one_letter_code
;MAFNDLLQQVGGVGRFQQIQVTLVVLPLLLMASHNTLQNFTAAIPTHHCRPPADANLSKNGGLEVWLPRDRQGQPESCLR
FTSPQWGLPFLNGTEANGTGATEPCTDGWIYDNSTFPSTIVTEWDLVCSHRALRQLAQSLYMVGVLLGAMVFGYLADRLG
RRKVLILNYLQTAVSGTCAAFAPNFPIYCAFRLLSGMALAGISLNCMTLNVEWMPIHTRACVGTLIGYVYSLGQFLLAGV
AYAVPHWRHLQLLVSAPFFAFFIYSWFFIESARWHSSSGRLDLTLRALQRVARINGKREEGAKLSMEVLRASLQKELTMG
KGQASAMELLRCPTLRHLFLCLSMLWFATSFAYYGLVMDLQGFGVSIYLIQVIFGAVDLPAKLVGFLVINSLGRRPAQMA
ALLLAGICILLNGVIPQDQSIVRTSLAVLGKGCLAASFNCIFLYTGELYPTMIRQTGMGMGSTMARVGSIVSPLVSMTAE
LYPSMPLFIYGAVPVAASAVTVLLPETLGQPLPDTVQDLESRWAPTQKEAGIYPRKGKQTRQQQEHQKYMVPLQASAQEK
NGL
;
_entity_poly.pdbx_strand_id   A
#
loop_
_chem_comp.id
_chem_comp.type
_chem_comp.name
_chem_comp.formula
GBM non-polymer 5-chloro-N-(2-{4-[(cyclohexylcarbamoyl)sulfamoyl]phenyl}ethyl)-2-methoxybenzamide 'C23 H28 Cl N3 O5 S'
#
# COMPACT_ATOMS: atom_id res chain seq x y z
N ALA A 2 18.90 17.44 -22.62
CA ALA A 2 20.12 17.87 -21.94
C ALA A 2 19.79 18.42 -20.56
N PHE A 3 18.68 17.96 -19.98
CA PHE A 3 18.27 18.44 -18.67
C PHE A 3 19.26 17.97 -17.61
N ASN A 4 19.80 16.75 -17.78
CA ASN A 4 20.76 16.23 -16.82
C ASN A 4 22.00 17.11 -16.77
N ASP A 5 22.48 17.55 -17.92
CA ASP A 5 23.67 18.41 -17.94
C ASP A 5 23.38 19.73 -17.23
N LEU A 6 22.17 20.26 -17.39
CA LEU A 6 21.80 21.47 -16.66
C LEU A 6 21.83 21.23 -15.16
N LEU A 7 21.31 20.08 -14.71
CA LEU A 7 21.37 19.75 -13.29
C LEU A 7 22.80 19.65 -12.79
N GLN A 8 23.69 18.99 -13.56
CA GLN A 8 25.09 18.93 -13.13
C GLN A 8 25.74 20.31 -13.14
N GLN A 9 25.25 21.21 -13.99
CA GLN A 9 25.81 22.56 -14.03
C GLN A 9 25.46 23.35 -12.77
N VAL A 10 24.17 23.34 -12.39
CA VAL A 10 23.74 24.11 -11.23
C VAL A 10 24.29 23.50 -9.93
N GLY A 11 24.64 22.22 -9.94
CA GLY A 11 25.17 21.56 -8.75
C GLY A 11 24.73 20.12 -8.62
N GLY A 12 23.69 19.74 -9.36
CA GLY A 12 23.20 18.38 -9.31
C GLY A 12 22.53 18.05 -7.98
N VAL A 13 23.14 17.14 -7.23
CA VAL A 13 22.63 16.74 -5.93
C VAL A 13 23.20 17.71 -4.90
N GLY A 14 22.38 18.69 -4.51
CA GLY A 14 22.81 19.72 -3.57
C GLY A 14 21.90 19.79 -2.36
N ARG A 15 22.08 20.85 -1.55
CA ARG A 15 21.31 20.97 -0.31
C ARG A 15 19.81 21.03 -0.59
N PHE A 16 19.42 21.65 -1.70
CA PHE A 16 18.00 21.72 -2.05
C PHE A 16 17.38 20.34 -2.09
N GLN A 17 18.04 19.39 -2.77
CA GLN A 17 17.55 18.02 -2.79
C GLN A 17 17.59 17.40 -1.40
N GLN A 18 18.72 17.54 -0.70
CA GLN A 18 18.87 16.88 0.60
C GLN A 18 17.85 17.35 1.61
N ILE A 19 17.24 18.51 1.40
CA ILE A 19 16.15 18.99 2.25
C ILE A 19 14.80 18.56 1.69
N GLN A 20 14.55 18.79 0.40
CA GLN A 20 13.21 18.59 -0.15
C GLN A 20 12.84 17.11 -0.18
N VAL A 21 13.77 16.24 -0.61
CA VAL A 21 13.43 14.82 -0.71
C VAL A 21 13.11 14.26 0.67
N THR A 22 13.89 14.65 1.69
CA THR A 22 13.64 14.16 3.04
C THR A 22 12.32 14.70 3.58
N LEU A 23 12.05 15.99 3.37
CA LEU A 23 10.82 16.57 3.92
C LEU A 23 9.59 16.09 3.16
N VAL A 24 9.77 15.58 1.94
CA VAL A 24 8.65 15.04 1.17
C VAL A 24 8.43 13.56 1.47
N VAL A 25 9.50 12.83 1.82
CA VAL A 25 9.38 11.40 2.13
C VAL A 25 9.08 11.14 3.60
N LEU A 26 9.26 12.13 4.48
CA LEU A 26 8.96 11.92 5.89
C LEU A 26 7.51 11.53 6.14
N PRO A 27 6.49 12.15 5.53
CA PRO A 27 5.11 11.80 5.87
C PRO A 27 4.68 10.41 5.43
N LEU A 28 5.55 9.69 4.72
CA LEU A 28 5.23 8.32 4.29
C LEU A 28 5.30 7.31 5.43
N LEU A 29 5.79 7.72 6.61
CA LEU A 29 5.81 6.82 7.75
C LEU A 29 4.41 6.48 8.26
N LEU A 30 3.39 7.24 7.85
CA LEU A 30 2.02 6.99 8.26
C LEU A 30 1.23 6.13 7.28
N MET A 31 1.83 5.74 6.15
CA MET A 31 1.14 4.83 5.23
C MET A 31 0.81 3.51 5.90
N ALA A 32 1.77 2.88 6.56
CA ALA A 32 1.51 1.60 7.21
C ALA A 32 0.45 1.75 8.30
N SER A 33 0.51 2.85 9.04
CA SER A 33 -0.47 3.07 10.11
C SER A 33 -1.88 3.25 9.55
N HIS A 34 -2.03 4.03 8.48
CA HIS A 34 -3.36 4.30 7.93
C HIS A 34 -3.88 3.18 7.05
N ASN A 35 -3.03 2.26 6.60
CA ASN A 35 -3.48 1.16 5.75
C ASN A 35 -4.00 -0.01 6.59
N THR A 36 -3.15 -0.59 7.43
CA THR A 36 -3.52 -1.72 8.26
C THR A 36 -3.92 -1.26 9.67
N LEU A 37 -5.01 -0.49 9.71
CA LEU A 37 -5.55 -0.01 10.98
C LEU A 37 -6.67 -0.90 11.52
N GLN A 38 -7.28 -1.72 10.65
CA GLN A 38 -8.35 -2.62 11.07
C GLN A 38 -7.78 -3.93 11.61
N ASN A 39 -6.79 -3.81 12.50
CA ASN A 39 -6.30 -4.94 13.28
C ASN A 39 -6.28 -4.53 14.75
N PHE A 40 -6.05 -3.24 15.01
CA PHE A 40 -6.12 -2.66 16.34
C PHE A 40 -7.37 -1.82 16.56
N THR A 41 -7.88 -1.15 15.52
CA THR A 41 -9.06 -0.32 15.70
C THR A 41 -10.37 -1.11 15.60
N ALA A 42 -10.34 -2.34 15.08
CA ALA A 42 -11.55 -3.13 14.87
C ALA A 42 -11.37 -4.56 15.34
N ALA A 43 -10.63 -4.77 16.43
CA ALA A 43 -10.44 -6.11 16.97
C ALA A 43 -11.75 -6.62 17.57
N ILE A 44 -11.93 -7.94 17.53
CA ILE A 44 -13.12 -8.59 18.05
C ILE A 44 -12.72 -9.27 19.37
N PRO A 45 -13.12 -8.75 20.52
CA PRO A 45 -12.88 -9.46 21.77
C PRO A 45 -13.94 -10.52 22.03
N THR A 46 -13.62 -11.43 22.95
CA THR A 46 -14.56 -12.46 23.35
C THR A 46 -15.83 -11.83 23.92
N HIS A 47 -16.98 -12.37 23.53
CA HIS A 47 -18.26 -11.81 23.92
C HIS A 47 -19.28 -12.93 24.11
N HIS A 48 -20.35 -12.61 24.83
CA HIS A 48 -21.43 -13.55 25.08
C HIS A 48 -22.72 -12.78 25.26
N CYS A 49 -23.84 -13.48 25.10
CA CYS A 49 -25.14 -12.85 25.19
C CYS A 49 -25.39 -12.29 26.59
N ARG A 50 -26.04 -11.14 26.64
CA ARG A 50 -26.37 -10.50 27.90
C ARG A 50 -27.63 -11.13 28.47
N PRO A 51 -27.59 -11.72 29.67
CA PRO A 51 -28.81 -12.34 30.21
C PRO A 51 -29.82 -11.27 30.58
N PRO A 52 -31.11 -11.61 30.60
CA PRO A 52 -32.12 -10.62 31.00
C PRO A 52 -31.98 -10.23 32.46
N ALA A 53 -32.36 -8.98 32.75
CA ALA A 53 -32.29 -8.45 34.11
C ALA A 53 -33.48 -8.95 34.92
N ASP A 54 -33.49 -10.25 35.16
CA ASP A 54 -34.54 -10.91 35.93
C ASP A 54 -33.99 -11.86 36.99
N ALA A 55 -32.68 -11.89 37.20
CA ALA A 55 -32.08 -12.78 38.19
C ALA A 55 -32.43 -12.32 39.60
N GLU A 64 -25.20 -17.90 36.81
CA GLU A 64 -24.14 -18.38 35.93
C GLU A 64 -24.73 -19.25 34.81
N VAL A 65 -25.73 -20.04 35.16
CA VAL A 65 -26.32 -21.00 34.21
C VAL A 65 -27.48 -20.28 33.53
N TRP A 66 -27.16 -19.52 32.48
CA TRP A 66 -28.18 -18.95 31.61
C TRP A 66 -27.85 -19.09 30.13
N LEU A 67 -26.70 -19.67 29.77
CA LEU A 67 -26.25 -19.72 28.38
C LEU A 67 -25.99 -21.17 27.98
N PRO A 68 -26.25 -21.55 26.72
CA PRO A 68 -25.92 -22.91 26.29
C PRO A 68 -24.44 -23.06 25.96
N ARG A 69 -23.60 -23.07 26.99
CA ARG A 69 -22.16 -23.19 26.80
C ARG A 69 -21.82 -24.54 26.20
N ASP A 70 -20.88 -24.55 25.25
CA ASP A 70 -20.52 -25.74 24.50
C ASP A 70 -19.10 -25.51 23.96
N ARG A 71 -18.47 -26.57 23.44
CA ARG A 71 -17.09 -26.50 22.95
C ARG A 71 -16.13 -26.13 24.09
N GLN A 72 -16.05 -27.06 25.04
CA GLN A 72 -15.18 -26.94 26.22
C GLN A 72 -15.67 -25.85 27.17
N GLY A 73 -16.99 -25.69 27.28
CA GLY A 73 -17.58 -24.80 28.24
C GLY A 73 -17.64 -23.34 27.86
N GLN A 74 -17.16 -22.99 26.67
CA GLN A 74 -17.21 -21.59 26.24
C GLN A 74 -18.66 -21.16 26.05
N PRO A 75 -19.08 -20.02 26.62
CA PRO A 75 -20.47 -19.60 26.44
C PRO A 75 -20.81 -19.38 24.97
N GLU A 76 -22.04 -19.71 24.61
CA GLU A 76 -22.51 -19.58 23.23
C GLU A 76 -23.06 -18.17 23.00
N SER A 77 -22.73 -17.61 21.84
CA SER A 77 -23.05 -16.22 21.53
C SER A 77 -24.35 -16.04 20.75
N CYS A 78 -25.01 -17.12 20.36
CA CYS A 78 -26.23 -17.05 19.56
C CYS A 78 -27.51 -17.17 20.38
N LEU A 79 -27.63 -18.20 21.21
CA LEU A 79 -28.87 -18.48 21.93
C LEU A 79 -28.72 -18.07 23.39
N ARG A 80 -29.85 -18.01 24.10
CA ARG A 80 -29.87 -17.49 25.46
C ARG A 80 -30.79 -18.27 26.40
N PHE A 81 -31.16 -19.51 26.06
CA PHE A 81 -32.03 -20.33 26.92
C PHE A 81 -33.35 -19.61 27.19
N THR A 82 -34.13 -19.48 26.11
CA THR A 82 -35.43 -18.80 26.11
C THR A 82 -36.23 -19.03 27.39
N SER A 83 -36.25 -20.27 27.88
CA SER A 83 -36.90 -20.62 29.14
C SER A 83 -35.88 -21.14 30.13
N PRO A 84 -36.03 -20.83 31.43
CA PRO A 84 -35.06 -21.37 32.39
C PRO A 84 -35.08 -22.90 32.45
N THR A 102 -33.19 -20.99 23.35
CA THR A 102 -33.21 -21.05 21.89
C THR A 102 -33.91 -19.83 21.31
N GLU A 103 -33.48 -18.64 21.73
CA GLU A 103 -34.00 -17.38 21.23
C GLU A 103 -32.86 -16.48 20.82
N PRO A 104 -33.03 -15.67 19.76
CA PRO A 104 -32.04 -14.64 19.48
C PRO A 104 -31.96 -13.62 20.60
N CYS A 105 -30.79 -12.99 20.79
CA CYS A 105 -30.60 -12.00 21.90
C CYS A 105 -31.43 -10.75 21.60
N THR A 106 -31.11 -9.98 20.56
CA THR A 106 -31.83 -8.73 20.19
C THR A 106 -31.88 -7.78 21.39
N ASP A 107 -31.04 -8.00 22.40
CA ASP A 107 -31.08 -7.19 23.64
C ASP A 107 -29.74 -6.49 23.80
N GLY A 108 -28.64 -7.26 23.76
CA GLY A 108 -27.28 -6.69 23.89
C GLY A 108 -26.23 -7.75 24.15
N TRP A 109 -24.96 -7.38 24.25
CA TRP A 109 -23.85 -8.27 24.56
C TRP A 109 -22.96 -7.65 25.62
N ILE A 110 -22.30 -8.51 26.39
CA ILE A 110 -21.35 -8.11 27.42
C ILE A 110 -19.96 -8.40 26.86
N TYR A 111 -19.25 -7.36 26.45
CA TYR A 111 -17.91 -7.51 25.90
C TYR A 111 -16.86 -7.40 27.00
N ASP A 112 -15.75 -8.11 26.82
CA ASP A 112 -14.65 -8.06 27.75
C ASP A 112 -13.92 -6.73 27.64
N ASN A 113 -13.33 -6.29 28.75
CA ASN A 113 -12.63 -5.02 28.83
C ASN A 113 -11.30 -5.20 29.55
N SER A 114 -10.62 -6.31 29.30
CA SER A 114 -9.33 -6.59 29.93
C SER A 114 -8.16 -6.15 29.07
N THR A 115 -8.26 -6.28 27.76
CA THR A 115 -7.17 -5.93 26.85
C THR A 115 -7.63 -4.98 25.75
N PHE A 116 -8.93 -5.03 25.41
CA PHE A 116 -9.52 -4.17 24.39
C PHE A 116 -10.64 -3.36 25.03
N PRO A 117 -10.34 -2.20 25.61
CA PRO A 117 -11.40 -1.43 26.28
C PRO A 117 -12.54 -1.01 25.36
N SER A 118 -12.26 -0.73 24.09
CA SER A 118 -13.30 -0.27 23.17
C SER A 118 -12.83 -0.45 21.74
N THR A 119 -13.74 -0.94 20.89
CA THR A 119 -13.49 -1.09 19.46
C THR A 119 -14.77 -0.78 18.70
N ILE A 120 -14.72 -0.93 17.38
CA ILE A 120 -15.91 -0.66 16.57
C ILE A 120 -17.02 -1.66 16.89
N VAL A 121 -16.66 -2.94 17.03
CA VAL A 121 -17.67 -3.96 17.33
C VAL A 121 -18.34 -3.66 18.66
N THR A 122 -17.59 -3.15 19.64
CA THR A 122 -18.18 -2.78 20.92
C THR A 122 -19.12 -1.60 20.77
N GLU A 123 -18.94 -0.77 19.74
CA GLU A 123 -19.75 0.44 19.59
C GLU A 123 -21.12 0.13 19.00
N TRP A 124 -21.15 -0.41 17.78
CA TRP A 124 -22.40 -0.63 17.05
C TRP A 124 -22.82 -2.10 17.05
N ASP A 125 -22.16 -2.96 17.81
CA ASP A 125 -22.57 -4.35 17.98
C ASP A 125 -22.61 -5.09 16.63
N LEU A 126 -21.45 -5.16 16.00
CA LEU A 126 -21.30 -5.90 14.74
C LEU A 126 -20.74 -7.29 15.02
N VAL A 127 -21.52 -8.08 15.76
CA VAL A 127 -21.11 -9.40 16.22
C VAL A 127 -22.25 -10.39 16.03
N CYS A 128 -21.95 -11.51 15.37
CA CYS A 128 -22.83 -12.67 15.34
C CYS A 128 -24.06 -12.50 14.44
N SER A 129 -24.25 -11.30 13.90
CA SER A 129 -25.27 -11.06 12.89
C SER A 129 -24.82 -10.14 11.76
N HIS A 130 -23.82 -9.30 11.99
CA HIS A 130 -23.28 -8.38 10.99
C HIS A 130 -21.77 -8.53 10.91
N ARG A 131 -21.29 -9.78 10.96
CA ARG A 131 -19.85 -10.04 10.97
C ARG A 131 -19.18 -9.51 9.71
N ALA A 132 -19.90 -9.50 8.58
CA ALA A 132 -19.31 -9.12 7.30
C ALA A 132 -19.09 -7.62 7.17
N LEU A 133 -19.58 -6.81 8.12
CA LEU A 133 -19.47 -5.36 7.96
C LEU A 133 -18.05 -4.85 8.18
N ARG A 134 -17.23 -5.54 8.98
CA ARG A 134 -15.82 -5.17 9.07
C ARG A 134 -15.14 -5.34 7.71
N GLN A 135 -15.38 -6.49 7.07
CA GLN A 135 -14.83 -6.71 5.73
C GLN A 135 -15.41 -5.71 4.74
N LEU A 136 -16.68 -5.35 4.90
CA LEU A 136 -17.29 -4.35 4.03
C LEU A 136 -16.60 -3.00 4.18
N ALA A 137 -16.32 -2.60 5.42
CA ALA A 137 -15.64 -1.32 5.65
C ALA A 137 -14.24 -1.34 5.06
N GLN A 138 -13.51 -2.44 5.25
CA GLN A 138 -12.17 -2.54 4.66
C GLN A 138 -12.25 -2.50 3.14
N SER A 139 -13.24 -3.18 2.56
CA SER A 139 -13.39 -3.20 1.11
C SER A 139 -13.72 -1.82 0.57
N LEU A 140 -14.56 -1.07 1.28
CA LEU A 140 -14.86 0.30 0.86
C LEU A 140 -13.62 1.18 0.97
N TYR A 141 -12.85 1.02 2.05
CA TYR A 141 -11.62 1.80 2.20
C TYR A 141 -10.66 1.51 1.04
N MET A 142 -10.55 0.25 0.63
CA MET A 142 -9.69 -0.09 -0.49
C MET A 142 -10.27 0.37 -1.82
N VAL A 143 -11.61 0.33 -1.97
CA VAL A 143 -12.24 0.84 -3.18
C VAL A 143 -11.99 2.32 -3.33
N GLY A 144 -11.83 3.03 -2.21
CA GLY A 144 -11.50 4.44 -2.25
C GLY A 144 -10.03 4.72 -2.49
N VAL A 145 -9.31 3.77 -3.09
CA VAL A 145 -7.89 3.95 -3.41
C VAL A 145 -7.73 3.98 -4.92
N LEU A 146 -8.49 3.13 -5.61
CA LEU A 146 -8.44 3.10 -7.07
C LEU A 146 -8.88 4.44 -7.66
N LEU A 147 -9.99 4.98 -7.16
CA LEU A 147 -10.50 6.24 -7.69
C LEU A 147 -9.52 7.37 -7.42
N GLY A 148 -8.86 7.35 -6.26
CA GLY A 148 -7.83 8.36 -6.01
C GLY A 148 -6.68 8.24 -6.99
N ALA A 149 -6.10 7.03 -7.09
CA ALA A 149 -4.96 6.82 -7.98
C ALA A 149 -5.30 7.18 -9.42
N MET A 150 -6.57 7.07 -9.80
CA MET A 150 -6.98 7.45 -11.15
C MET A 150 -7.17 8.96 -11.28
N VAL A 151 -8.09 9.53 -10.49
CA VAL A 151 -8.50 10.91 -10.67
C VAL A 151 -7.34 11.86 -10.35
N PHE A 152 -6.69 11.68 -9.20
CA PHE A 152 -5.65 12.62 -8.81
C PHE A 152 -4.33 12.36 -9.52
N GLY A 153 -4.20 11.23 -10.22
CA GLY A 153 -3.10 11.03 -11.13
C GLY A 153 -3.37 11.71 -12.45
N TYR A 154 -4.64 11.71 -12.87
CA TYR A 154 -5.03 12.44 -14.06
C TYR A 154 -4.83 13.94 -13.86
N LEU A 155 -5.27 14.45 -12.71
CA LEU A 155 -5.22 15.88 -12.43
C LEU A 155 -3.86 16.33 -11.91
N ALA A 156 -2.91 15.41 -11.74
CA ALA A 156 -1.56 15.78 -11.33
C ALA A 156 -0.74 16.36 -12.48
N ASP A 157 -0.95 15.86 -13.70
CA ASP A 157 -0.25 16.33 -14.89
C ASP A 157 -0.99 17.47 -15.59
N ARG A 158 -1.90 18.15 -14.89
CA ARG A 158 -2.64 19.27 -15.46
C ARG A 158 -2.72 20.49 -14.57
N LEU A 159 -2.44 20.39 -13.27
CA LEU A 159 -2.46 21.51 -12.34
C LEU A 159 -1.11 21.79 -11.69
N GLY A 160 -0.29 20.77 -11.47
CA GLY A 160 1.01 20.93 -10.83
C GLY A 160 1.16 19.97 -9.68
N ARG A 161 2.37 19.42 -9.53
CA ARG A 161 2.62 18.44 -8.48
C ARG A 161 2.41 19.04 -7.10
N ARG A 162 2.94 20.25 -6.87
CA ARG A 162 2.87 20.84 -5.54
C ARG A 162 1.45 21.21 -5.16
N LYS A 163 0.67 21.73 -6.11
CA LYS A 163 -0.72 22.07 -5.82
C LYS A 163 -1.51 20.84 -5.38
N VAL A 164 -1.35 19.74 -6.13
CA VAL A 164 -2.07 18.52 -5.81
C VAL A 164 -1.58 17.95 -4.48
N LEU A 165 -0.29 18.07 -4.21
CA LEU A 165 0.24 17.60 -2.93
C LEU A 165 -0.35 18.41 -1.78
N ILE A 166 -0.47 19.72 -1.96
CA ILE A 166 -1.06 20.56 -0.91
C ILE A 166 -2.51 20.18 -0.67
N LEU A 167 -3.27 19.98 -1.75
CA LEU A 167 -4.67 19.57 -1.59
C LEU A 167 -4.76 18.21 -0.91
N ASN A 168 -3.86 17.28 -1.26
CA ASN A 168 -3.87 15.97 -0.64
C ASN A 168 -3.57 16.08 0.85
N TYR A 169 -2.57 16.89 1.21
CA TYR A 169 -2.24 17.09 2.61
C TYR A 169 -3.42 17.67 3.38
N LEU A 170 -4.11 18.65 2.79
CA LEU A 170 -5.27 19.23 3.46
C LEU A 170 -6.38 18.20 3.62
N GLN A 171 -6.65 17.41 2.57
CA GLN A 171 -7.78 16.49 2.60
C GLN A 171 -7.53 15.35 3.57
N THR A 172 -6.31 14.81 3.59
CA THR A 172 -6.03 13.67 4.46
C THR A 172 -6.23 14.01 5.93
N ALA A 173 -6.11 15.29 6.29
CA ALA A 173 -6.37 15.73 7.65
C ALA A 173 -7.80 16.19 7.87
N VAL A 174 -8.43 16.80 6.86
CA VAL A 174 -9.79 17.28 7.02
C VAL A 174 -10.78 16.12 7.07
N SER A 175 -10.62 15.12 6.22
CA SER A 175 -11.53 13.98 6.16
C SER A 175 -11.07 12.80 7.02
N GLY A 176 -9.94 12.94 7.73
CA GLY A 176 -9.41 11.85 8.53
C GLY A 176 -9.64 12.04 10.01
N THR A 177 -9.69 13.30 10.46
CA THR A 177 -9.88 13.58 11.88
C THR A 177 -11.34 13.64 12.29
N CYS A 178 -12.25 13.94 11.36
CA CYS A 178 -13.68 13.99 11.64
C CYS A 178 -14.31 12.59 11.66
N ALA A 179 -13.62 11.56 11.20
CA ALA A 179 -14.12 10.21 11.29
C ALA A 179 -14.09 9.66 12.71
N ALA A 180 -13.23 10.20 13.57
CA ALA A 180 -13.17 9.77 14.96
C ALA A 180 -14.38 10.22 15.76
N PHE A 181 -15.22 11.12 15.22
CA PHE A 181 -16.42 11.59 15.89
C PHE A 181 -17.68 11.17 15.15
N ALA A 182 -17.60 10.16 14.30
CA ALA A 182 -18.76 9.72 13.54
C ALA A 182 -19.74 8.99 14.45
N PRO A 183 -21.00 9.42 14.54
CA PRO A 183 -21.97 8.70 15.38
C PRO A 183 -22.65 7.52 14.71
N ASN A 184 -22.44 7.33 13.40
CA ASN A 184 -23.07 6.25 12.65
C ASN A 184 -22.01 5.54 11.82
N PHE A 185 -22.39 4.39 11.27
CA PHE A 185 -21.48 3.55 10.51
C PHE A 185 -21.24 4.08 9.09
N PRO A 186 -22.28 4.45 8.33
CA PRO A 186 -22.03 4.94 6.97
C PRO A 186 -21.16 6.18 6.92
N ILE A 187 -21.27 7.08 7.91
CA ILE A 187 -20.41 8.25 7.94
C ILE A 187 -18.95 7.84 8.10
N TYR A 188 -18.69 6.89 9.00
CA TYR A 188 -17.33 6.39 9.18
C TYR A 188 -16.81 5.75 7.89
N CYS A 189 -17.66 4.95 7.24
CA CYS A 189 -17.24 4.30 6.00
C CYS A 189 -16.89 5.33 4.92
N ALA A 190 -17.74 6.34 4.76
CA ALA A 190 -17.50 7.35 3.74
C ALA A 190 -16.24 8.16 4.05
N PHE A 191 -16.04 8.51 5.31
CA PHE A 191 -14.85 9.30 5.66
C PHE A 191 -13.58 8.48 5.48
N ARG A 192 -13.63 7.18 5.81
CA ARG A 192 -12.48 6.32 5.53
C ARG A 192 -12.24 6.21 4.03
N LEU A 193 -13.31 6.14 3.24
CA LEU A 193 -13.18 6.10 1.80
C LEU A 193 -12.48 7.35 1.27
N LEU A 194 -12.87 8.53 1.79
CA LEU A 194 -12.24 9.77 1.35
C LEU A 194 -10.79 9.85 1.82
N SER A 195 -10.50 9.35 3.02
CA SER A 195 -9.12 9.32 3.49
C SER A 195 -8.26 8.46 2.56
N GLY A 196 -8.77 7.28 2.17
CA GLY A 196 -8.06 6.46 1.21
C GLY A 196 -7.92 7.14 -0.14
N MET A 197 -8.96 7.88 -0.56
CA MET A 197 -8.91 8.62 -1.81
C MET A 197 -7.73 9.60 -1.80
N ALA A 198 -7.58 10.35 -0.71
CA ALA A 198 -6.45 11.27 -0.59
C ALA A 198 -5.13 10.51 -0.51
N LEU A 199 -5.12 9.39 0.22
CA LEU A 199 -3.85 8.75 0.51
C LEU A 199 -3.28 8.10 -0.76
N ALA A 200 -4.18 7.59 -1.62
CA ALA A 200 -3.75 7.04 -2.89
C ALA A 200 -3.04 8.08 -3.74
N GLY A 201 -3.56 9.30 -3.77
CA GLY A 201 -2.92 10.38 -4.50
C GLY A 201 -1.60 10.78 -3.89
N ILE A 202 -1.54 10.82 -2.55
CA ILE A 202 -0.30 11.23 -1.90
C ILE A 202 0.82 10.24 -2.25
N SER A 203 0.50 8.94 -2.28
CA SER A 203 1.52 7.93 -2.56
C SER A 203 2.14 8.14 -3.94
N LEU A 204 1.29 8.29 -4.95
CA LEU A 204 1.80 8.44 -6.31
C LEU A 204 2.55 9.75 -6.48
N ASN A 205 1.97 10.85 -5.98
CA ASN A 205 2.56 12.16 -6.22
C ASN A 205 3.89 12.30 -5.50
N CYS A 206 4.05 11.68 -4.32
CA CYS A 206 5.33 11.74 -3.63
C CYS A 206 6.46 11.27 -4.52
N MET A 207 6.38 10.02 -4.99
CA MET A 207 7.43 9.48 -5.83
C MET A 207 7.54 10.24 -7.15
N THR A 208 6.40 10.62 -7.73
CA THR A 208 6.43 11.31 -9.02
C THR A 208 7.21 12.62 -8.92
N LEU A 209 7.01 13.38 -7.85
CA LEU A 209 7.73 14.62 -7.69
C LEU A 209 9.16 14.39 -7.22
N ASN A 210 9.42 13.33 -6.45
CA ASN A 210 10.76 13.11 -5.92
C ASN A 210 11.72 12.66 -7.00
N VAL A 211 11.31 11.72 -7.87
CA VAL A 211 12.22 11.19 -8.87
C VAL A 211 12.56 12.20 -9.96
N GLU A 212 11.83 13.32 -10.04
CA GLU A 212 12.06 14.28 -11.11
C GLU A 212 13.34 15.08 -10.87
N TRP A 213 13.60 15.48 -9.63
CA TRP A 213 14.73 16.36 -9.34
C TRP A 213 16.07 15.63 -9.28
N MET A 214 16.07 14.30 -9.20
CA MET A 214 17.32 13.56 -9.09
C MET A 214 17.90 13.30 -10.48
N PRO A 215 19.22 13.09 -10.59
CA PRO A 215 19.80 12.76 -11.90
C PRO A 215 19.35 11.41 -12.42
N ILE A 216 19.71 11.10 -13.67
CA ILE A 216 19.34 9.81 -14.25
C ILE A 216 20.12 8.68 -13.57
N HIS A 217 21.38 8.92 -13.19
CA HIS A 217 22.22 7.88 -12.63
C HIS A 217 21.83 7.49 -11.20
N THR A 218 20.94 8.26 -10.56
CA THR A 218 20.47 7.97 -9.20
C THR A 218 18.96 7.79 -9.20
N ARG A 219 18.40 7.16 -10.26
CA ARG A 219 16.94 6.95 -10.36
C ARG A 219 16.55 5.71 -9.55
N ALA A 220 17.41 4.68 -9.44
CA ALA A 220 17.04 3.46 -8.74
C ALA A 220 17.27 3.55 -7.23
N CYS A 221 18.20 4.40 -6.78
CA CYS A 221 18.46 4.50 -5.35
C CYS A 221 17.23 5.02 -4.60
N VAL A 222 16.57 6.03 -5.14
CA VAL A 222 15.38 6.59 -4.49
C VAL A 222 14.19 5.65 -4.59
N GLY A 223 14.13 4.81 -5.64
CA GLY A 223 13.05 3.86 -5.73
C GLY A 223 13.02 2.87 -4.58
N THR A 224 14.20 2.42 -4.14
CA THR A 224 14.31 1.54 -2.98
C THR A 224 14.17 2.29 -1.66
N LEU A 225 14.45 3.59 -1.64
CA LEU A 225 14.35 4.36 -0.40
C LEU A 225 12.93 4.39 0.12
N ILE A 226 11.95 4.56 -0.77
CA ILE A 226 10.55 4.67 -0.34
C ILE A 226 10.08 3.36 0.28
N GLY A 227 10.55 2.23 -0.25
CA GLY A 227 10.13 0.95 0.29
C GLY A 227 10.52 0.75 1.73
N TYR A 228 11.77 1.09 2.07
CA TYR A 228 12.21 0.96 3.46
C TYR A 228 11.54 1.98 4.36
N VAL A 229 11.20 3.15 3.84
CA VAL A 229 10.43 4.11 4.63
C VAL A 229 9.05 3.54 4.96
N TYR A 230 8.40 2.92 3.96
CA TYR A 230 7.11 2.28 4.21
C TYR A 230 7.24 1.15 5.23
N SER A 231 8.30 0.34 5.09
CA SER A 231 8.47 -0.81 5.97
C SER A 231 8.70 -0.42 7.42
N LEU A 232 9.09 0.82 7.70
CA LEU A 232 9.34 1.26 9.06
C LEU A 232 8.09 1.75 9.79
N GLY A 233 6.98 1.97 9.06
CA GLY A 233 5.78 2.47 9.69
C GLY A 233 5.07 1.45 10.56
N GLN A 234 5.33 0.17 10.34
CA GLN A 234 4.70 -0.86 11.17
C GLN A 234 5.20 -0.77 12.62
N PHE A 235 6.48 -0.43 12.80
CA PHE A 235 7.00 -0.24 14.16
C PHE A 235 6.27 0.89 14.86
N LEU A 236 6.06 2.00 14.15
CA LEU A 236 5.34 3.13 14.73
C LEU A 236 3.89 2.75 15.04
N LEU A 237 3.25 2.00 14.16
CA LEU A 237 1.88 1.55 14.41
C LEU A 237 1.84 0.69 15.68
N ALA A 238 2.78 -0.24 15.81
CA ALA A 238 2.80 -1.13 16.96
C ALA A 238 3.01 -0.35 18.25
N GLY A 239 3.93 0.63 18.22
CA GLY A 239 4.13 1.45 19.41
C GLY A 239 2.92 2.28 19.77
N VAL A 240 2.32 2.94 18.76
CA VAL A 240 1.23 3.87 19.03
C VAL A 240 -0.01 3.12 19.52
N ALA A 241 -0.33 1.98 18.89
CA ALA A 241 -1.52 1.24 19.28
C ALA A 241 -1.46 0.80 20.74
N TYR A 242 -0.30 0.33 21.18
CA TYR A 242 -0.12 0.02 22.60
C TYR A 242 -0.20 1.29 23.43
N ALA A 243 0.35 2.39 22.92
CA ALA A 243 0.36 3.63 23.68
C ALA A 243 -1.06 4.11 23.99
N VAL A 244 -1.96 4.03 23.00
CA VAL A 244 -3.35 4.45 23.18
C VAL A 244 -4.26 3.29 22.77
N PRO A 245 -4.98 2.65 23.70
CA PRO A 245 -5.87 1.55 23.30
C PRO A 245 -7.15 2.02 22.61
N HIS A 246 -7.69 3.16 23.03
CA HIS A 246 -8.98 3.61 22.52
C HIS A 246 -8.89 3.89 21.02
N TRP A 247 -9.97 3.59 20.31
CA TRP A 247 -9.97 3.69 18.85
C TRP A 247 -10.16 5.13 18.38
N ARG A 248 -11.01 5.91 19.06
CA ARG A 248 -11.21 7.30 18.68
C ARG A 248 -9.93 8.10 18.85
N HIS A 249 -9.27 7.93 20.00
CA HIS A 249 -8.00 8.61 20.23
C HIS A 249 -6.93 8.13 19.27
N LEU A 250 -6.94 6.83 18.94
CA LEU A 250 -5.98 6.31 17.98
C LEU A 250 -6.16 6.95 16.62
N GLN A 251 -7.40 7.06 16.15
CA GLN A 251 -7.66 7.71 14.87
C GLN A 251 -7.26 9.17 14.90
N LEU A 252 -7.59 9.87 15.99
CA LEU A 252 -7.24 11.29 16.07
C LEU A 252 -5.73 11.47 16.03
N LEU A 253 -4.99 10.63 16.78
CA LEU A 253 -3.53 10.75 16.79
C LEU A 253 -2.94 10.40 15.44
N VAL A 254 -3.44 9.36 14.77
CA VAL A 254 -2.85 8.96 13.50
C VAL A 254 -3.24 9.89 12.37
N SER A 255 -4.26 10.73 12.55
CA SER A 255 -4.67 11.69 11.53
C SER A 255 -4.24 13.12 11.83
N ALA A 256 -3.79 13.43 13.06
CA ALA A 256 -3.46 14.80 13.42
C ALA A 256 -2.24 15.37 12.71
N PRO A 257 -1.10 14.67 12.66
CA PRO A 257 0.13 15.32 12.16
C PRO A 257 0.05 15.79 10.72
N PHE A 258 -0.97 15.37 9.96
CA PHE A 258 -1.10 15.85 8.58
C PHE A 258 -1.33 17.35 8.53
N PHE A 259 -1.96 17.93 9.56
CA PHE A 259 -2.12 19.38 9.60
C PHE A 259 -0.76 20.07 9.72
N ALA A 260 0.11 19.56 10.59
CA ALA A 260 1.46 20.12 10.71
C ALA A 260 2.23 19.95 9.41
N PHE A 261 2.08 18.79 8.76
CA PHE A 261 2.74 18.60 7.47
C PHE A 261 2.19 19.55 6.42
N PHE A 262 0.91 19.90 6.51
CA PHE A 262 0.27 20.77 5.53
C PHE A 262 0.67 22.23 5.73
N ILE A 263 0.87 22.66 6.98
CA ILE A 263 1.15 24.07 7.24
C ILE A 263 2.40 24.52 6.51
N TYR A 264 3.43 23.67 6.49
CA TYR A 264 4.70 23.99 5.87
C TYR A 264 4.74 23.70 4.37
N SER A 265 3.73 23.02 3.83
CA SER A 265 3.81 22.46 2.48
C SER A 265 3.73 23.53 1.38
N TRP A 266 3.69 24.81 1.71
CA TRP A 266 3.70 25.87 0.71
C TRP A 266 5.09 26.29 0.28
N PHE A 267 6.14 25.75 0.91
CA PHE A 267 7.51 26.17 0.62
C PHE A 267 8.20 25.30 -0.43
N PHE A 268 7.53 24.29 -0.96
CA PHE A 268 8.14 23.46 -1.98
C PHE A 268 8.28 24.22 -3.29
N ILE A 269 9.16 23.71 -4.15
CA ILE A 269 9.45 24.31 -5.45
C ILE A 269 8.91 23.38 -6.53
N GLU A 270 8.16 23.94 -7.47
CA GLU A 270 7.57 23.14 -8.53
C GLU A 270 8.64 22.52 -9.41
N SER A 271 8.35 21.32 -9.93
CA SER A 271 9.32 20.61 -10.75
C SER A 271 9.61 21.38 -12.03
N ALA A 272 10.89 21.45 -12.39
CA ALA A 272 11.29 22.20 -13.58
C ALA A 272 10.97 21.43 -14.86
N ARG A 273 11.03 20.10 -14.83
CA ARG A 273 10.72 19.32 -16.02
C ARG A 273 9.28 19.55 -16.46
N TRP A 274 8.34 19.60 -15.52
CA TRP A 274 6.95 19.85 -15.88
C TRP A 274 6.78 21.24 -16.50
N HIS A 275 7.46 22.24 -15.94
CA HIS A 275 7.39 23.58 -16.49
C HIS A 275 7.94 23.62 -17.91
N SER A 276 9.08 22.97 -18.14
CA SER A 276 9.66 22.97 -19.48
C SER A 276 8.76 22.24 -20.47
N SER A 277 8.20 21.10 -20.07
CA SER A 277 7.33 20.35 -20.97
C SER A 277 6.02 21.10 -21.25
N SER A 278 5.52 21.86 -20.28
CA SER A 278 4.27 22.58 -20.49
C SER A 278 4.39 23.60 -21.62
N GLY A 279 5.50 24.32 -21.67
CA GLY A 279 5.73 25.31 -22.72
C GLY A 279 6.23 26.63 -22.20
N ARG A 280 6.11 26.87 -20.89
CA ARG A 280 6.55 28.10 -20.27
C ARG A 280 8.01 27.95 -19.83
N LEU A 281 8.92 28.56 -20.58
CA LEU A 281 10.35 28.49 -20.27
C LEU A 281 10.79 29.56 -19.28
N ASP A 282 10.06 30.66 -19.17
CA ASP A 282 10.44 31.69 -18.20
C ASP A 282 10.37 31.15 -16.77
N LEU A 283 9.31 30.40 -16.46
CA LEU A 283 9.18 29.82 -15.12
C LEU A 283 10.28 28.81 -14.85
N THR A 284 10.63 28.00 -15.86
CA THR A 284 11.73 27.06 -15.71
C THR A 284 13.03 27.79 -15.43
N LEU A 285 13.28 28.88 -16.17
CA LEU A 285 14.47 29.69 -15.93
C LEU A 285 14.48 30.22 -14.51
N ARG A 286 13.37 30.80 -14.06
CA ARG A 286 13.32 31.38 -12.72
C ARG A 286 13.54 30.32 -11.65
N ALA A 287 12.93 29.14 -11.82
CA ALA A 287 13.13 28.06 -10.85
C ALA A 287 14.59 27.62 -10.84
N LEU A 288 15.23 27.55 -12.01
CA LEU A 288 16.63 27.17 -12.05
C LEU A 288 17.51 28.19 -11.33
N GLN A 289 17.25 29.49 -11.55
CA GLN A 289 18.00 30.51 -10.81
C GLN A 289 17.78 30.36 -9.32
N ARG A 290 16.53 30.15 -8.90
CA ARG A 290 16.23 30.06 -7.48
C ARG A 290 16.96 28.90 -6.82
N VAL A 291 16.88 27.71 -7.44
CA VAL A 291 17.57 26.56 -6.88
C VAL A 291 19.07 26.78 -6.90
N ALA A 292 19.58 27.53 -7.88
CA ALA A 292 20.99 27.89 -7.86
C ALA A 292 21.31 28.75 -6.63
N ARG A 293 20.44 29.70 -6.30
CA ARG A 293 20.67 30.51 -5.11
C ARG A 293 20.66 29.66 -3.85
N ILE A 294 19.71 28.72 -3.75
CA ILE A 294 19.69 27.85 -2.57
C ILE A 294 20.95 27.01 -2.50
N ASN A 295 21.42 26.51 -3.66
CA ASN A 295 22.63 25.70 -3.68
C ASN A 295 23.88 26.54 -3.50
N GLY A 296 23.87 27.80 -3.94
CA GLY A 296 25.03 28.66 -3.84
C GLY A 296 25.90 28.69 -5.06
N LYS A 297 25.35 28.42 -6.24
CA LYS A 297 26.10 28.42 -7.49
C LYS A 297 25.52 29.48 -8.43
N ARG A 298 25.27 30.68 -7.90
CA ARG A 298 24.60 31.72 -8.67
C ARG A 298 25.40 32.14 -9.89
N GLU A 299 26.71 31.89 -9.91
CA GLU A 299 27.52 32.28 -11.06
C GLU A 299 27.09 31.52 -12.31
N GLU A 300 26.77 30.24 -12.18
CA GLU A 300 26.28 29.48 -13.32
C GLU A 300 24.84 29.83 -13.65
N GLY A 301 24.03 30.17 -12.64
CA GLY A 301 22.67 30.61 -12.91
C GLY A 301 22.64 31.89 -13.73
N ALA A 302 23.54 32.82 -13.43
CA ALA A 302 23.65 34.03 -14.24
C ALA A 302 24.05 33.69 -15.68
N LYS A 303 24.98 32.76 -15.85
CA LYS A 303 25.33 32.30 -17.19
C LYS A 303 24.13 31.67 -17.89
N LEU A 304 23.26 31.01 -17.13
CA LEU A 304 22.05 30.45 -17.70
C LEU A 304 21.18 31.57 -18.25
N SER A 305 20.64 31.36 -19.46
CA SER A 305 19.82 32.36 -20.12
C SER A 305 18.76 31.64 -20.96
N MET A 306 17.96 32.44 -21.66
CA MET A 306 16.87 31.90 -22.47
C MET A 306 17.41 31.22 -23.72
N GLU A 307 18.37 31.86 -24.41
CA GLU A 307 18.87 31.33 -25.67
C GLU A 307 19.58 29.98 -25.46
N VAL A 308 20.36 29.85 -24.40
CA VAL A 308 21.08 28.60 -24.18
C VAL A 308 20.10 27.48 -23.88
N LEU A 309 19.04 27.76 -23.12
CA LEU A 309 18.03 26.75 -22.86
C LEU A 309 17.33 26.32 -24.13
N ARG A 310 16.99 27.27 -25.00
CA ARG A 310 16.40 26.89 -26.29
C ARG A 310 17.40 26.20 -27.20
N ALA A 311 18.70 26.36 -26.94
CA ALA A 311 19.74 25.68 -27.72
C ALA A 311 20.17 24.35 -27.12
N SER A 312 19.95 24.14 -25.83
CA SER A 312 20.34 22.90 -25.17
C SER A 312 19.18 21.93 -25.00
N LEU A 313 17.97 22.43 -24.79
CA LEU A 313 16.78 21.61 -24.64
C LEU A 313 15.90 21.63 -25.89
N GLN A 314 16.49 21.95 -27.05
CA GLN A 314 15.70 22.04 -28.28
C GLN A 314 15.05 20.72 -28.65
N LYS A 315 15.60 19.59 -28.20
CA LYS A 315 15.00 18.30 -28.51
C LYS A 315 13.61 18.18 -27.92
N GLU A 316 13.41 18.61 -26.68
CA GLU A 316 12.11 18.57 -26.04
C GLU A 316 11.39 19.90 -26.15
N ALA A 324 1.17 5.76 -28.62
CA ALA A 324 1.37 5.89 -27.18
C ALA A 324 0.04 5.86 -26.43
N SER A 325 -1.07 5.74 -27.16
CA SER A 325 -2.38 5.68 -26.54
C SER A 325 -2.55 4.40 -25.72
N ALA A 326 -3.40 4.48 -24.70
CA ALA A 326 -3.66 3.30 -23.87
C ALA A 326 -4.31 2.18 -24.67
N MET A 327 -4.95 2.49 -25.80
CA MET A 327 -5.56 1.48 -26.65
C MET A 327 -4.54 0.77 -27.54
N GLU A 328 -3.32 1.29 -27.65
CA GLU A 328 -2.29 0.61 -28.44
C GLU A 328 -1.92 -0.74 -27.87
N LEU A 329 -2.14 -0.96 -26.56
CA LEU A 329 -1.98 -2.31 -26.02
C LEU A 329 -2.96 -3.27 -26.68
N LEU A 330 -4.19 -2.82 -26.90
CA LEU A 330 -5.14 -3.56 -27.71
C LEU A 330 -4.72 -3.50 -29.18
N ARG A 331 -5.38 -4.32 -30.00
CA ARG A 331 -5.14 -4.43 -31.44
C ARG A 331 -3.65 -4.46 -31.79
N CYS A 332 -2.84 -5.07 -30.91
CA CYS A 332 -1.43 -5.30 -31.18
C CYS A 332 -0.96 -6.47 -30.30
N PRO A 333 -0.87 -7.69 -30.83
CA PRO A 333 -0.68 -8.85 -29.94
C PRO A 333 0.62 -8.82 -29.14
N THR A 334 1.69 -8.24 -29.68
CA THR A 334 2.99 -8.32 -29.02
C THR A 334 2.95 -7.68 -27.63
N LEU A 335 2.23 -6.57 -27.48
CA LEU A 335 2.12 -5.92 -26.17
C LEU A 335 0.99 -6.52 -25.34
N ARG A 336 -0.10 -6.95 -25.97
CA ARG A 336 -1.22 -7.52 -25.22
C ARG A 336 -0.80 -8.78 -24.50
N HIS A 337 -0.04 -9.64 -25.18
CA HIS A 337 0.38 -10.91 -24.58
C HIS A 337 1.24 -10.69 -23.35
N LEU A 338 2.15 -9.71 -23.40
CA LEU A 338 2.98 -9.38 -22.25
C LEU A 338 2.15 -8.75 -21.14
N PHE A 339 1.26 -7.82 -21.50
CA PHE A 339 0.47 -7.10 -20.52
C PHE A 339 -0.43 -8.04 -19.73
N LEU A 340 -1.02 -9.04 -20.40
CA LEU A 340 -1.91 -9.96 -19.71
C LEU A 340 -1.17 -10.68 -18.59
N CYS A 341 0.01 -11.22 -18.90
CA CYS A 341 0.78 -11.94 -17.89
C CYS A 341 1.24 -11.01 -16.77
N LEU A 342 1.71 -9.82 -17.12
CA LEU A 342 2.16 -8.89 -16.08
C LEU A 342 1.01 -8.51 -15.16
N SER A 343 -0.17 -8.24 -15.72
CA SER A 343 -1.33 -7.89 -14.90
C SER A 343 -1.75 -9.06 -14.02
N MET A 344 -1.68 -10.29 -14.55
CA MET A 344 -2.00 -11.45 -13.74
C MET A 344 -1.05 -11.57 -12.56
N LEU A 345 0.25 -11.35 -12.80
CA LEU A 345 1.22 -11.43 -11.71
C LEU A 345 0.95 -10.36 -10.66
N TRP A 346 0.70 -9.12 -11.11
CA TRP A 346 0.38 -8.05 -10.15
C TRP A 346 -0.84 -8.40 -9.32
N PHE A 347 -1.90 -8.87 -9.97
CA PHE A 347 -3.13 -9.19 -9.25
C PHE A 347 -2.91 -10.28 -8.23
N ALA A 348 -2.19 -11.35 -8.63
CA ALA A 348 -1.95 -12.45 -7.70
C ALA A 348 -1.13 -11.98 -6.51
N THR A 349 -0.06 -11.22 -6.76
CA THR A 349 0.80 -10.76 -5.68
C THR A 349 0.02 -9.87 -4.71
N SER A 350 -0.75 -8.92 -5.25
CA SER A 350 -1.50 -8.01 -4.38
C SER A 350 -2.55 -8.77 -3.58
N PHE A 351 -3.28 -9.69 -4.22
CA PHE A 351 -4.28 -10.48 -3.53
C PHE A 351 -3.65 -11.24 -2.37
N ALA A 352 -2.57 -11.97 -2.64
CA ALA A 352 -1.94 -12.75 -1.58
C ALA A 352 -1.44 -11.85 -0.46
N TYR A 353 -0.77 -10.75 -0.80
CA TYR A 353 -0.16 -9.91 0.23
C TYR A 353 -1.23 -9.27 1.12
N TYR A 354 -2.26 -8.68 0.52
CA TYR A 354 -3.26 -7.98 1.31
C TYR A 354 -4.34 -8.90 1.85
N GLY A 355 -4.31 -10.19 1.53
CA GLY A 355 -5.11 -11.16 2.25
C GLY A 355 -4.34 -11.70 3.44
N LEU A 356 -3.02 -11.80 3.30
CA LEU A 356 -2.19 -12.35 4.36
C LEU A 356 -2.14 -11.41 5.56
N VAL A 357 -1.88 -10.12 5.30
CA VAL A 357 -1.49 -9.19 6.35
C VAL A 357 -2.58 -8.97 7.38
N MET A 358 -3.85 -9.14 7.01
CA MET A 358 -4.95 -8.89 7.92
C MET A 358 -5.20 -10.14 8.78
N ASP A 359 -6.30 -10.12 9.53
CA ASP A 359 -6.71 -11.19 10.44
C ASP A 359 -5.53 -11.74 11.25
N LEU A 360 -4.89 -10.84 11.98
CA LEU A 360 -3.81 -11.23 12.88
C LEU A 360 -4.31 -12.07 14.05
N GLN A 361 -5.58 -11.96 14.41
CA GLN A 361 -6.12 -12.69 15.53
C GLN A 361 -6.17 -14.19 15.23
N GLY A 362 -6.08 -14.99 16.29
CA GLY A 362 -6.14 -16.43 16.19
C GLY A 362 -4.80 -17.13 16.14
N PHE A 363 -3.69 -16.39 16.15
CA PHE A 363 -2.36 -16.98 16.11
C PHE A 363 -1.83 -17.35 17.50
N GLY A 364 -2.59 -17.07 18.56
CA GLY A 364 -2.15 -17.33 19.92
C GLY A 364 -1.35 -16.19 20.52
N VAL A 365 -0.41 -15.65 19.76
CA VAL A 365 0.37 -14.50 20.21
C VAL A 365 -0.46 -13.24 20.03
N SER A 366 -0.17 -12.24 20.85
CA SER A 366 -0.91 -10.98 20.78
C SER A 366 -0.68 -10.29 19.44
N ILE A 367 -1.71 -9.59 18.97
CA ILE A 367 -1.60 -8.86 17.70
C ILE A 367 -0.47 -7.84 17.77
N TYR A 368 -0.23 -7.27 18.95
CA TYR A 368 0.83 -6.27 19.09
C TYR A 368 2.20 -6.86 18.73
N LEU A 369 2.49 -8.06 19.23
CA LEU A 369 3.77 -8.69 18.92
C LEU A 369 3.82 -9.17 17.48
N ILE A 370 2.71 -9.70 16.98
CA ILE A 370 2.68 -10.15 15.59
C ILE A 370 2.93 -8.97 14.65
N GLN A 371 2.51 -7.77 15.04
CA GLN A 371 2.75 -6.60 14.20
C GLN A 371 4.24 -6.36 14.00
N VAL A 372 5.00 -6.32 15.10
CA VAL A 372 6.44 -6.06 14.99
C VAL A 372 7.15 -7.22 14.31
N ILE A 373 6.71 -8.46 14.59
CA ILE A 373 7.32 -9.60 13.92
C ILE A 373 7.10 -9.52 12.42
N PHE A 374 5.89 -9.16 11.99
CA PHE A 374 5.61 -9.00 10.57
C PHE A 374 6.44 -7.87 9.97
N GLY A 375 6.61 -6.77 10.71
CA GLY A 375 7.40 -5.66 10.23
C GLY A 375 8.89 -5.89 10.23
N ALA A 376 9.36 -6.93 10.92
CA ALA A 376 10.79 -7.22 11.00
C ALA A 376 11.29 -8.19 9.93
N VAL A 377 10.41 -8.68 9.05
CA VAL A 377 10.80 -9.66 8.04
C VAL A 377 10.86 -9.08 6.62
N ASP A 378 10.40 -7.86 6.42
CA ASP A 378 10.47 -7.26 5.09
C ASP A 378 11.88 -6.84 4.69
N LEU A 379 12.65 -6.31 5.65
CA LEU A 379 14.01 -5.88 5.35
C LEU A 379 14.87 -7.01 4.83
N PRO A 380 14.98 -8.16 5.52
CA PRO A 380 15.75 -9.27 4.94
C PRO A 380 15.15 -9.80 3.65
N ALA A 381 13.82 -9.74 3.50
CA ALA A 381 13.20 -10.17 2.25
C ALA A 381 13.73 -9.36 1.07
N LYS A 382 13.67 -8.03 1.19
CA LYS A 382 14.20 -7.19 0.11
C LYS A 382 15.69 -7.38 -0.07
N LEU A 383 16.44 -7.50 1.04
CA LEU A 383 17.89 -7.64 0.94
C LEU A 383 18.27 -8.89 0.17
N VAL A 384 17.62 -10.01 0.48
CA VAL A 384 17.93 -11.26 -0.20
C VAL A 384 17.43 -11.22 -1.65
N GLY A 385 16.24 -10.66 -1.87
CA GLY A 385 15.70 -10.64 -3.22
C GLY A 385 16.52 -9.81 -4.18
N PHE A 386 17.10 -8.71 -3.68
CA PHE A 386 17.87 -7.83 -4.57
C PHE A 386 19.04 -8.57 -5.20
N LEU A 387 19.73 -9.40 -4.41
CA LEU A 387 20.85 -10.17 -4.94
C LEU A 387 20.36 -11.21 -5.95
N VAL A 388 19.21 -11.84 -5.66
CA VAL A 388 18.77 -12.99 -6.44
C VAL A 388 18.09 -12.61 -7.73
N ILE A 389 17.59 -11.38 -7.86
CA ILE A 389 17.08 -10.94 -9.17
C ILE A 389 18.20 -10.98 -10.21
N ASN A 390 19.38 -10.46 -9.86
CA ASN A 390 20.47 -10.37 -10.82
C ASN A 390 21.40 -11.58 -10.78
N SER A 391 21.37 -12.38 -9.72
CA SER A 391 22.23 -13.57 -9.64
C SER A 391 21.57 -14.78 -10.30
N LEU A 392 20.41 -15.19 -9.78
CA LEU A 392 19.71 -16.33 -10.36
C LEU A 392 19.08 -15.98 -11.69
N GLY A 393 18.42 -14.82 -11.76
CA GLY A 393 17.70 -14.39 -12.94
C GLY A 393 16.44 -13.66 -12.54
N ARG A 394 15.91 -12.86 -13.48
CA ARG A 394 14.70 -12.11 -13.20
C ARG A 394 13.51 -13.03 -12.99
N ARG A 395 13.28 -13.96 -13.92
CA ARG A 395 12.14 -14.87 -13.87
C ARG A 395 12.37 -16.02 -12.89
N PRO A 396 13.58 -16.58 -12.80
CA PRO A 396 13.82 -17.58 -11.74
C PRO A 396 13.47 -17.10 -10.36
N ALA A 397 13.90 -15.89 -9.99
CA ALA A 397 13.57 -15.33 -8.69
C ALA A 397 12.07 -15.17 -8.50
N GLN A 398 11.37 -14.64 -9.50
CA GLN A 398 9.93 -14.45 -9.40
C GLN A 398 9.22 -15.78 -9.18
N MET A 399 9.53 -16.77 -10.03
CA MET A 399 8.84 -18.05 -9.90
C MET A 399 9.15 -18.72 -8.56
N ALA A 400 10.42 -18.69 -8.14
CA ALA A 400 10.78 -19.33 -6.88
C ALA A 400 10.06 -18.68 -5.71
N ALA A 401 10.10 -17.34 -5.64
CA ALA A 401 9.46 -16.65 -4.53
C ALA A 401 7.96 -16.88 -4.52
N LEU A 402 7.32 -16.78 -5.68
CA LEU A 402 5.86 -16.92 -5.73
C LEU A 402 5.45 -18.35 -5.35
N LEU A 403 6.16 -19.35 -5.89
CA LEU A 403 5.82 -20.74 -5.56
C LEU A 403 6.03 -21.02 -4.08
N LEU A 404 7.14 -20.54 -3.51
CA LEU A 404 7.41 -20.78 -2.10
C LEU A 404 6.34 -20.12 -1.23
N ALA A 405 5.96 -18.88 -1.55
CA ALA A 405 4.93 -18.20 -0.78
C ALA A 405 3.59 -18.94 -0.89
N GLY A 406 3.23 -19.38 -2.10
CA GLY A 406 1.97 -20.07 -2.28
C GLY A 406 1.91 -21.38 -1.51
N ILE A 407 2.96 -22.18 -1.61
CA ILE A 407 2.95 -23.47 -0.90
C ILE A 407 2.98 -23.25 0.60
N CYS A 408 3.75 -22.26 1.07
CA CYS A 408 3.81 -21.99 2.50
C CYS A 408 2.45 -21.58 3.04
N ILE A 409 1.73 -20.73 2.30
CA ILE A 409 0.41 -20.31 2.75
C ILE A 409 -0.59 -21.45 2.69
N LEU A 410 -0.54 -22.26 1.62
CA LEU A 410 -1.47 -23.38 1.53
C LEU A 410 -1.21 -24.41 2.63
N LEU A 411 0.04 -24.52 3.09
CA LEU A 411 0.35 -25.44 4.18
C LEU A 411 -0.31 -25.05 5.49
N ASN A 412 -0.64 -23.77 5.68
CA ASN A 412 -1.18 -23.32 6.95
C ASN A 412 -2.58 -23.85 7.22
N GLY A 413 -3.28 -24.35 6.20
CA GLY A 413 -4.66 -24.74 6.33
C GLY A 413 -4.93 -26.19 6.69
N VAL A 414 -3.89 -26.96 7.05
CA VAL A 414 -4.05 -28.35 7.43
C VAL A 414 -3.66 -28.59 8.88
N ILE A 415 -2.61 -27.94 9.35
CA ILE A 415 -2.16 -28.13 10.73
C ILE A 415 -3.24 -27.59 11.68
N PRO A 416 -3.59 -28.30 12.76
CA PRO A 416 -4.61 -27.78 13.66
C PRO A 416 -4.11 -26.58 14.46
N GLN A 417 -5.03 -25.85 15.10
CA GLN A 417 -4.69 -24.66 15.92
C GLN A 417 -4.03 -25.09 17.22
N ASP A 418 -3.98 -26.40 17.52
CA ASP A 418 -3.25 -26.96 18.70
C ASP A 418 -1.86 -26.33 18.76
N GLN A 419 -1.14 -26.26 17.63
CA GLN A 419 0.24 -25.71 17.55
C GLN A 419 0.23 -24.19 17.78
N SER A 420 1.36 -23.57 18.13
CA SER A 420 1.48 -22.12 18.21
C SER A 420 2.80 -21.57 17.68
N ILE A 421 3.67 -22.41 17.12
CA ILE A 421 4.97 -21.97 16.64
C ILE A 421 5.04 -21.99 15.12
N VAL A 422 4.71 -23.13 14.52
CA VAL A 422 4.73 -23.24 13.07
C VAL A 422 3.71 -22.30 12.44
N ARG A 423 2.59 -22.05 13.12
CA ARG A 423 1.59 -21.14 12.59
C ARG A 423 2.16 -19.76 12.36
N THR A 424 2.93 -19.24 13.32
CA THR A 424 3.56 -17.94 13.15
C THR A 424 4.74 -18.00 12.18
N SER A 425 5.54 -19.06 12.24
CA SER A 425 6.70 -19.16 11.37
C SER A 425 6.30 -19.15 9.90
N LEU A 426 5.31 -19.97 9.53
CA LEU A 426 4.86 -20.01 8.14
C LEU A 426 4.29 -18.67 7.71
N ALA A 427 3.51 -18.02 8.57
CA ALA A 427 2.91 -16.74 8.21
C ALA A 427 3.98 -15.69 7.97
N VAL A 428 4.98 -15.60 8.84
CA VAL A 428 6.00 -14.58 8.67
C VAL A 428 6.86 -14.88 7.44
N LEU A 429 7.16 -16.16 7.20
CA LEU A 429 7.91 -16.51 6.00
C LEU A 429 7.14 -16.13 4.75
N GLY A 430 5.83 -16.40 4.73
CA GLY A 430 5.02 -16.02 3.58
C GLY A 430 4.97 -14.52 3.37
N LYS A 431 4.83 -13.76 4.46
CA LYS A 431 4.78 -12.31 4.34
C LYS A 431 6.09 -11.76 3.76
N GLY A 432 7.22 -12.25 4.29
CA GLY A 432 8.51 -11.81 3.75
C GLY A 432 8.69 -12.21 2.30
N CYS A 433 8.27 -13.42 1.94
CA CYS A 433 8.40 -13.87 0.56
C CYS A 433 7.56 -13.02 -0.38
N LEU A 434 6.35 -12.64 0.05
CA LEU A 434 5.50 -11.79 -0.78
C LEU A 434 6.08 -10.38 -0.91
N ALA A 435 6.70 -9.85 0.16
CA ALA A 435 7.37 -8.57 0.04
C ALA A 435 8.51 -8.65 -0.98
N ALA A 436 9.30 -9.73 -0.92
CA ALA A 436 10.36 -9.92 -1.90
C ALA A 436 9.79 -10.04 -3.31
N SER A 437 8.64 -10.71 -3.44
CA SER A 437 8.00 -10.84 -4.74
C SER A 437 7.59 -9.48 -5.29
N PHE A 438 7.14 -8.60 -4.39
CA PHE A 438 6.75 -7.21 -4.79
C PHE A 438 7.99 -6.43 -5.21
N ASN A 439 9.12 -6.65 -4.52
CA ASN A 439 10.38 -5.93 -4.85
C ASN A 439 10.87 -6.42 -6.22
N CYS A 440 10.66 -7.70 -6.53
CA CYS A 440 11.16 -8.28 -7.80
C CYS A 440 10.26 -7.84 -8.96
N ILE A 441 8.94 -7.92 -8.80
CA ILE A 441 8.05 -7.63 -9.92
C ILE A 441 8.17 -6.16 -10.31
N PHE A 442 8.39 -5.26 -9.34
CA PHE A 442 8.52 -3.85 -9.68
C PHE A 442 9.63 -3.65 -10.70
N LEU A 443 10.84 -4.14 -10.40
CA LEU A 443 11.95 -4.01 -11.33
C LEU A 443 11.72 -4.80 -12.60
N TYR A 444 11.08 -5.97 -12.50
CA TYR A 444 10.85 -6.78 -13.69
C TYR A 444 10.00 -6.03 -14.70
N THR A 445 8.86 -5.48 -14.27
CA THR A 445 8.02 -4.72 -15.19
C THR A 445 8.68 -3.42 -15.61
N GLY A 446 9.48 -2.81 -14.73
CA GLY A 446 10.17 -1.58 -15.11
C GLY A 446 11.13 -1.80 -16.26
N GLU A 447 11.89 -2.89 -16.21
CA GLU A 447 12.91 -3.16 -17.23
C GLU A 447 12.40 -4.02 -18.38
N LEU A 448 11.15 -4.51 -18.32
CA LEU A 448 10.65 -5.39 -19.37
C LEU A 448 10.02 -4.60 -20.51
N TYR A 449 9.20 -3.60 -20.20
CA TYR A 449 8.40 -2.93 -21.22
C TYR A 449 9.29 -2.11 -22.15
N PRO A 450 8.79 -1.74 -23.34
CA PRO A 450 9.56 -0.84 -24.23
C PRO A 450 9.74 0.54 -23.64
N THR A 451 10.40 1.42 -24.38
CA THR A 451 10.79 2.73 -23.85
C THR A 451 9.63 3.71 -23.80
N MET A 452 8.91 3.91 -24.92
CA MET A 452 7.91 4.97 -24.97
C MET A 452 6.68 4.64 -24.13
N ILE A 453 6.24 3.37 -24.13
CA ILE A 453 5.01 2.98 -23.47
C ILE A 453 5.24 2.56 -22.02
N ARG A 454 6.46 2.75 -21.50
CA ARG A 454 6.76 2.30 -20.14
C ARG A 454 5.95 3.08 -19.10
N GLN A 455 5.79 4.39 -19.31
CA GLN A 455 5.13 5.22 -18.31
C GLN A 455 3.69 4.78 -18.10
N THR A 456 2.96 4.50 -19.18
CA THR A 456 1.59 4.02 -19.07
C THR A 456 1.51 2.54 -18.71
N GLY A 457 2.48 1.73 -19.13
CA GLY A 457 2.46 0.33 -18.76
C GLY A 457 2.64 0.12 -17.27
N MET A 458 3.55 0.87 -16.64
CA MET A 458 3.73 0.76 -15.21
C MET A 458 2.45 1.16 -14.47
N GLY A 459 1.81 2.25 -14.92
CA GLY A 459 0.57 2.66 -14.29
C GLY A 459 -0.52 1.62 -14.43
N MET A 460 -0.66 1.05 -15.62
CA MET A 460 -1.67 0.02 -15.83
C MET A 460 -1.39 -1.20 -14.97
N GLY A 461 -0.12 -1.61 -14.87
CA GLY A 461 0.22 -2.75 -14.03
C GLY A 461 -0.07 -2.48 -12.56
N SER A 462 0.25 -1.28 -12.08
CA SER A 462 -0.05 -0.93 -10.70
C SER A 462 -1.54 -0.83 -10.46
N THR A 463 -2.32 -0.49 -11.49
CA THR A 463 -3.76 -0.40 -11.33
C THR A 463 -4.36 -1.75 -10.95
N MET A 464 -3.90 -2.83 -11.60
CA MET A 464 -4.37 -4.17 -11.29
C MET A 464 -3.81 -4.70 -9.97
N ALA A 465 -2.87 -3.98 -9.35
CA ALA A 465 -2.34 -4.36 -8.04
C ALA A 465 -3.25 -3.93 -6.90
N ARG A 466 -4.38 -3.29 -7.21
CA ARG A 466 -5.33 -2.83 -6.20
C ARG A 466 -6.69 -3.50 -6.28
N VAL A 467 -7.07 -4.04 -7.45
CA VAL A 467 -8.29 -4.81 -7.54
C VAL A 467 -8.19 -6.06 -6.67
N GLY A 468 -7.00 -6.68 -6.63
CA GLY A 468 -6.80 -7.82 -5.76
C GLY A 468 -6.97 -7.46 -4.29
N SER A 469 -6.44 -6.30 -3.89
CA SER A 469 -6.62 -5.84 -2.53
C SER A 469 -8.09 -5.54 -2.25
N ILE A 470 -8.81 -5.02 -3.25
CA ILE A 470 -10.24 -4.77 -3.10
C ILE A 470 -10.97 -6.08 -2.82
N VAL A 471 -10.64 -7.13 -3.59
CA VAL A 471 -11.38 -8.38 -3.52
C VAL A 471 -10.94 -9.27 -2.36
N SER A 472 -9.77 -9.00 -1.75
CA SER A 472 -9.26 -9.79 -0.60
C SER A 472 -10.30 -9.83 0.54
N PRO A 473 -10.75 -8.70 1.16
CA PRO A 473 -11.82 -8.75 2.18
C PRO A 473 -13.11 -9.41 1.68
N LEU A 474 -13.40 -9.29 0.39
CA LEU A 474 -14.64 -9.86 -0.20
C LEU A 474 -14.66 -11.38 -0.01
N VAL A 475 -13.55 -12.12 -0.28
CA VAL A 475 -13.61 -13.57 -0.19
C VAL A 475 -13.43 -14.06 1.25
N SER A 476 -13.01 -13.19 2.16
CA SER A 476 -12.92 -13.58 3.57
C SER A 476 -14.30 -13.72 4.20
N MET A 477 -15.35 -13.18 3.58
CA MET A 477 -16.69 -13.28 4.14
C MET A 477 -17.23 -14.70 4.11
N THR A 478 -16.61 -15.61 3.35
CA THR A 478 -17.04 -16.99 3.26
C THR A 478 -16.51 -17.85 4.40
N ALA A 479 -15.88 -17.25 5.41
CA ALA A 479 -15.44 -18.00 6.57
C ALA A 479 -16.59 -18.63 7.33
N GLU A 480 -17.81 -18.11 7.16
CA GLU A 480 -18.98 -18.72 7.79
C GLU A 480 -19.25 -20.11 7.22
N LEU A 481 -19.01 -20.31 5.93
CA LEU A 481 -19.22 -21.63 5.34
C LEU A 481 -18.24 -22.66 5.90
N TYR A 482 -16.93 -22.35 5.85
CA TYR A 482 -15.89 -23.23 6.38
C TYR A 482 -14.91 -22.36 7.13
N PRO A 483 -14.18 -22.90 8.11
CA PRO A 483 -13.26 -22.07 8.89
C PRO A 483 -11.88 -21.90 8.26
N SER A 484 -11.62 -22.55 7.12
CA SER A 484 -10.33 -22.41 6.44
C SER A 484 -10.47 -22.24 4.94
N MET A 485 -11.69 -22.12 4.41
CA MET A 485 -11.86 -21.93 2.97
C MET A 485 -11.13 -20.69 2.47
N PRO A 486 -11.23 -19.53 3.12
CA PRO A 486 -10.43 -18.38 2.66
C PRO A 486 -8.94 -18.66 2.67
N LEU A 487 -8.44 -19.41 3.66
CA LEU A 487 -7.03 -19.75 3.70
C LEU A 487 -6.62 -20.61 2.51
N PHE A 488 -7.46 -21.60 2.14
CA PHE A 488 -7.19 -22.38 0.95
C PHE A 488 -7.21 -21.52 -0.30
N ILE A 489 -8.17 -20.60 -0.39
CA ILE A 489 -8.24 -19.71 -1.54
C ILE A 489 -6.98 -18.86 -1.64
N TYR A 490 -6.45 -18.43 -0.50
CA TYR A 490 -5.28 -17.56 -0.48
C TYR A 490 -4.02 -18.26 -0.98
N GLY A 491 -3.98 -19.59 -0.92
CA GLY A 491 -2.79 -20.33 -1.32
C GLY A 491 -2.85 -20.87 -2.73
N ALA A 492 -4.05 -21.01 -3.28
CA ALA A 492 -4.19 -21.58 -4.62
C ALA A 492 -3.79 -20.58 -5.70
N VAL A 493 -4.16 -19.31 -5.52
CA VAL A 493 -3.86 -18.30 -6.54
C VAL A 493 -2.36 -18.12 -6.74
N PRO A 494 -1.55 -17.90 -5.72
CA PRO A 494 -0.10 -17.78 -5.97
C PRO A 494 0.50 -19.06 -6.55
N VAL A 495 0.03 -20.23 -6.13
CA VAL A 495 0.57 -21.48 -6.66
C VAL A 495 0.28 -21.57 -8.15
N ALA A 496 -0.95 -21.24 -8.55
CA ALA A 496 -1.29 -21.26 -9.97
C ALA A 496 -0.52 -20.21 -10.75
N ALA A 497 -0.30 -19.03 -10.17
CA ALA A 497 0.41 -17.98 -10.88
C ALA A 497 1.90 -18.26 -11.00
N SER A 498 2.48 -19.03 -10.09
CA SER A 498 3.90 -19.33 -10.15
C SER A 498 4.28 -20.11 -11.40
N ALA A 499 3.36 -20.91 -11.94
CA ALA A 499 3.60 -21.66 -13.17
C ALA A 499 3.34 -20.83 -14.43
N VAL A 500 2.89 -19.59 -14.28
CA VAL A 500 2.58 -18.75 -15.42
C VAL A 500 3.79 -17.94 -15.90
N THR A 501 4.83 -17.79 -15.07
CA THR A 501 6.00 -17.01 -15.44
C THR A 501 6.88 -17.71 -16.48
N VAL A 502 6.60 -18.95 -16.85
CA VAL A 502 7.43 -19.70 -17.77
C VAL A 502 7.09 -19.36 -19.21
N LEU A 503 6.25 -18.34 -19.42
CA LEU A 503 5.81 -17.94 -20.75
C LEU A 503 6.34 -16.56 -21.13
N LEU A 504 7.36 -16.06 -20.43
CA LEU A 504 7.94 -14.74 -20.68
C LEU A 504 9.43 -14.87 -20.98
N PRO A 505 9.99 -14.02 -21.84
CA PRO A 505 11.42 -14.10 -22.12
C PRO A 505 12.26 -13.65 -20.92
N GLU A 506 13.48 -14.19 -20.86
CA GLU A 506 14.47 -13.70 -19.91
C GLU A 506 15.17 -12.49 -20.50
N THR A 507 15.41 -11.48 -19.67
CA THR A 507 15.94 -10.19 -20.11
C THR A 507 17.04 -9.71 -19.18
N LEU A 508 17.79 -10.64 -18.60
CA LEU A 508 18.91 -10.31 -17.72
C LEU A 508 20.16 -10.06 -18.57
N GLY A 509 20.84 -8.94 -18.29
CA GLY A 509 22.04 -8.60 -19.01
C GLY A 509 21.80 -8.37 -20.49
N GLN A 510 20.71 -7.67 -20.82
CA GLN A 510 20.34 -7.36 -22.18
C GLN A 510 20.03 -5.87 -22.31
N PRO A 511 20.21 -5.29 -23.49
CA PRO A 511 19.83 -3.89 -23.67
C PRO A 511 18.32 -3.71 -23.58
N LEU A 512 17.92 -2.54 -23.12
CA LEU A 512 16.49 -2.24 -23.02
C LEU A 512 15.88 -2.20 -24.42
N PRO A 513 14.73 -2.84 -24.64
CA PRO A 513 14.16 -2.86 -26.00
C PRO A 513 13.77 -1.46 -26.44
N ASP A 514 14.38 -0.99 -27.52
CA ASP A 514 14.16 0.39 -27.96
C ASP A 514 12.72 0.61 -28.39
N THR A 515 12.14 -0.34 -29.13
CA THR A 515 10.80 -0.19 -29.65
C THR A 515 10.21 -1.55 -29.97
N VAL A 516 8.97 -1.53 -30.48
CA VAL A 516 8.26 -2.78 -30.76
C VAL A 516 8.86 -3.49 -31.97
N GLN A 517 9.39 -2.73 -32.94
CA GLN A 517 9.87 -3.35 -34.17
C GLN A 517 11.06 -4.27 -33.89
N ASP A 518 12.02 -3.81 -33.10
CA ASP A 518 13.19 -4.63 -32.77
C ASP A 518 12.98 -5.51 -31.56
N LEU A 519 11.82 -5.44 -30.91
CA LEU A 519 11.51 -6.29 -29.76
C LEU A 519 11.19 -7.68 -30.29
N GLU A 520 12.20 -8.56 -30.28
CA GLU A 520 12.03 -9.93 -30.75
C GLU A 520 12.52 -10.92 -29.70
N SER A 521 13.59 -10.55 -28.98
CA SER A 521 14.15 -11.42 -27.96
C SER A 521 14.99 -10.60 -26.97
O3 GBM B . 2.03 -2.78 -1.20
O4 GBM B . 0.30 -0.77 -1.57
O5 GBM B . 0.55 0.73 0.09
O6 GBM B . 6.13 3.02 -4.77
CL1 GBM B . 8.88 -0.97 -2.49
S2 GBM B . 1.32 0.10 -0.98
O7 GBM B . 4.31 -0.27 -6.23
N8 GBM B . 4.01 -2.87 -0.09
N9 GBM B . 2.67 -0.74 -0.38
N10 GBM B . 4.35 2.24 -5.97
C11 GBM B . 5.03 -2.16 0.66
C12 GBM B . 5.33 -2.91 1.96
C13 GBM B . 6.27 -2.00 -0.22
C14 GBM B . 6.02 -4.24 1.70
C15 GBM B . 6.97 -3.34 -0.46
C16 GBM B . 7.27 -4.08 0.84
C17 GBM B . 2.84 -2.17 -0.60
C18 GBM B . 1.85 1.33 -2.21
C19 GBM B . 2.68 3.19 -4.08
C20 GBM B . 3.14 4.22 -5.12
C21 GBM B . 3.03 2.04 -2.00
C22 GBM B . 1.09 1.55 -3.35
C23 GBM B . 3.44 2.97 -2.93
C24 GBM B . 1.51 2.49 -4.29
C25 GBM B . 3.86 3.57 -6.31
C26 GBM B . 5.54 2.08 -5.17
C27 GBM B . 6.02 0.67 -4.81
C28 GBM B . 5.38 -0.44 -5.35
C29 GBM B . 7.07 0.50 -3.94
C30 GBM B . 5.81 -1.71 -5.03
C31 GBM B . 7.51 -0.78 -3.61
C32 GBM B . 6.88 -1.88 -4.15
C33 GBM B . 3.12 -0.88 -5.82
#